data_1LRM
#
_entry.id   1LRM
#
_cell.length_a   66.588
_cell.length_b   108.117
_cell.length_c   124.168
_cell.angle_alpha   90.00
_cell.angle_beta   90.00
_cell.angle_gamma   90.00
#
_symmetry.space_group_name_H-M   'C 2 2 21'
#
loop_
_entity.id
_entity.type
_entity.pdbx_description
1 polymer Phenylalanine-4-hydroxylase
2 non-polymer 'FE (III) ION'
3 non-polymer 7,8-DIHYDROBIOPTERIN
4 water water
#
_entity_poly.entity_id   1
_entity_poly.type   'polypeptide(L)'
_entity_poly.pdbx_seq_one_letter_code
;GATVHELSRDKKKDTVPWFPRTIQELDRFANQILSYGAELDADHPGFKDPVYRARRKQFADIAYNYRHGQPIPRVEYMEE
EKKTWGTVFKTLKSLYKTHACYEYNHIFPLLEKYCGFHEDNIPQLEDVSQFLQTCTGFRLRPVAGLLSSRDFLGGLAFRV
FHCTQYIRHGSKPMYTPEPDICHELLGHVPLFSDRSFAQFSQEIGLASLGAPDEYIEKLATIYWFTVEFGLCKQGDSIKA
YGAGLLSSFGELQYCLSEKPKLLPLELEKTAIQNYTVTEFQPLYYVAESFNDAKEKVRNFAATIPRPFSVRYDPYTQRIE
VLDNT
;
_entity_poly.pdbx_strand_id   A
#
loop_
_chem_comp.id
_chem_comp.type
_chem_comp.name
_chem_comp.formula
FE non-polymer 'FE (III) ION' 'Fe 3'
HBI non-polymer 7,8-DIHYDROBIOPTERIN 'C9 H13 N5 O3'
#
# COMPACT_ATOMS: atom_id res chain seq x y z
N VAL A 16 -7.03 25.83 6.45
CA VAL A 16 -7.10 24.35 6.65
C VAL A 16 -7.57 23.66 5.37
N PRO A 17 -6.70 22.85 4.76
CA PRO A 17 -7.08 22.15 3.53
C PRO A 17 -8.27 21.21 3.70
N TRP A 18 -9.11 21.14 2.67
CA TRP A 18 -10.29 20.31 2.70
C TRP A 18 -9.93 18.83 2.84
N PHE A 19 -10.83 18.07 3.46
CA PHE A 19 -10.65 16.63 3.62
C PHE A 19 -12.01 15.97 3.76
N PRO A 20 -12.13 14.73 3.27
CA PRO A 20 -13.39 13.99 3.33
C PRO A 20 -13.90 13.78 4.76
N ARG A 21 -15.21 13.96 4.95
CA ARG A 21 -15.85 13.78 6.26
C ARG A 21 -16.59 12.45 6.27
N THR A 22 -16.87 11.92 5.08
CA THR A 22 -17.56 10.64 4.96
C THR A 22 -16.77 9.76 4.00
N ILE A 23 -16.94 8.45 4.12
CA ILE A 23 -16.22 7.52 3.26
C ILE A 23 -16.63 7.73 1.80
N GLN A 24 -17.86 8.18 1.56
CA GLN A 24 -18.29 8.39 0.18
C GLN A 24 -17.59 9.60 -0.45
N GLU A 25 -17.20 10.56 0.40
CA GLU A 25 -16.52 11.75 -0.09
C GLU A 25 -15.17 11.45 -0.70
N LEU A 26 -14.71 10.21 -0.56
CA LEU A 26 -13.44 9.81 -1.16
C LEU A 26 -13.59 9.82 -2.69
N ASP A 27 -14.84 9.83 -3.16
CA ASP A 27 -15.10 9.86 -4.60
C ASP A 27 -14.51 11.11 -5.27
N ARG A 28 -14.41 12.21 -4.54
CA ARG A 28 -13.84 13.43 -5.10
C ARG A 28 -12.37 13.27 -5.47
N PHE A 29 -11.75 12.19 -5.01
CA PHE A 29 -10.34 11.93 -5.27
C PHE A 29 -10.04 11.48 -6.70
N ALA A 30 -10.96 10.72 -7.29
CA ALA A 30 -10.77 10.22 -8.65
C ALA A 30 -10.49 11.32 -9.67
N ASN A 31 -11.13 12.48 -9.48
CA ASN A 31 -10.96 13.62 -10.39
C ASN A 31 -9.75 14.46 -9.99
N GLN A 32 -8.77 13.83 -9.34
CA GLN A 32 -7.58 14.54 -8.90
C GLN A 32 -6.29 13.72 -8.92
N ILE A 33 -5.96 13.12 -10.06
CA ILE A 33 -4.73 12.34 -10.16
C ILE A 33 -3.87 12.81 -11.31
N LEU A 34 -2.64 12.30 -11.38
CA LEU A 34 -1.73 12.64 -12.47
C LEU A 34 -2.28 11.93 -13.71
N SER A 35 -2.84 12.71 -14.62
CA SER A 35 -3.46 12.19 -15.84
C SER A 35 -2.50 11.59 -16.86
N TYR A 36 -1.22 11.83 -16.68
CA TYR A 36 -0.23 11.30 -17.61
C TYR A 36 0.68 10.34 -16.87
N GLY A 37 0.21 9.10 -16.76
CA GLY A 37 0.93 8.06 -16.06
C GLY A 37 2.30 7.71 -16.59
N ALA A 38 2.97 6.83 -15.87
CA ALA A 38 4.31 6.37 -16.20
C ALA A 38 4.36 5.53 -17.48
N GLU A 39 3.24 4.90 -17.84
CA GLU A 39 3.21 4.06 -19.03
C GLU A 39 3.51 4.89 -20.28
N LEU A 40 3.42 6.20 -20.14
CA LEU A 40 3.68 7.13 -21.24
C LEU A 40 5.16 7.49 -21.37
N ASP A 41 5.96 7.16 -20.36
CA ASP A 41 7.37 7.50 -20.42
C ASP A 41 8.13 6.57 -21.35
N ALA A 42 9.10 7.14 -22.05
CA ALA A 42 9.91 6.40 -23.01
C ALA A 42 10.69 5.25 -22.41
N ASP A 43 11.09 5.38 -21.14
CA ASP A 43 11.84 4.30 -20.49
C ASP A 43 10.97 3.25 -19.82
N HIS A 44 9.65 3.38 -19.93
CA HIS A 44 8.75 2.40 -19.34
C HIS A 44 8.83 1.07 -20.12
N PRO A 45 8.85 -0.07 -19.41
CA PRO A 45 8.93 -1.39 -20.06
C PRO A 45 7.91 -1.66 -21.17
N GLY A 46 6.75 -1.01 -21.10
CA GLY A 46 5.74 -1.23 -22.11
C GLY A 46 5.47 -0.03 -23.00
N PHE A 47 6.36 0.95 -22.96
CA PHE A 47 6.21 2.16 -23.76
C PHE A 47 5.89 1.91 -25.23
N LYS A 48 6.64 1.02 -25.86
CA LYS A 48 6.48 0.68 -27.27
C LYS A 48 5.38 -0.35 -27.53
N ASP A 49 4.63 -0.71 -26.49
CA ASP A 49 3.57 -1.71 -26.61
C ASP A 49 2.19 -1.03 -26.64
N PRO A 50 1.59 -0.89 -27.84
CA PRO A 50 0.27 -0.26 -27.98
C PRO A 50 -0.84 -1.08 -27.33
N VAL A 51 -0.68 -2.40 -27.33
CA VAL A 51 -1.68 -3.25 -26.70
C VAL A 51 -1.66 -2.97 -25.21
N TYR A 52 -0.46 -2.87 -24.65
CA TYR A 52 -0.31 -2.58 -23.23
C TYR A 52 -0.86 -1.20 -22.89
N ARG A 53 -0.59 -0.23 -23.76
CA ARG A 53 -1.05 1.13 -23.58
C ARG A 53 -2.57 1.17 -23.38
N ALA A 54 -3.29 0.47 -24.26
CA ALA A 54 -4.75 0.41 -24.21
C ALA A 54 -5.28 -0.37 -23.01
N ARG A 55 -4.53 -1.38 -22.60
CA ARG A 55 -4.93 -2.21 -21.45
C ARG A 55 -4.88 -1.34 -20.19
N ARG A 56 -3.86 -0.50 -20.11
CA ARG A 56 -3.68 0.39 -18.97
C ARG A 56 -4.80 1.41 -18.93
N LYS A 57 -5.15 1.93 -20.11
CA LYS A 57 -6.21 2.92 -20.23
C LYS A 57 -7.53 2.24 -19.84
N GLN A 58 -7.66 0.96 -20.20
CA GLN A 58 -8.88 0.22 -19.85
C GLN A 58 -9.00 0.13 -18.32
N PHE A 59 -7.89 -0.18 -17.63
CA PHE A 59 -7.93 -0.26 -16.17
C PHE A 59 -8.15 1.10 -15.54
N ALA A 60 -7.58 2.14 -16.15
CA ALA A 60 -7.74 3.49 -15.63
C ALA A 60 -9.21 3.92 -15.68
N ASP A 61 -9.91 3.53 -16.75
CA ASP A 61 -11.31 3.89 -16.88
C ASP A 61 -12.20 3.23 -15.84
N ILE A 62 -11.84 2.03 -15.42
CA ILE A 62 -12.61 1.31 -14.41
C ILE A 62 -12.52 2.07 -13.10
N ALA A 63 -11.31 2.50 -12.74
CA ALA A 63 -11.13 3.24 -11.51
C ALA A 63 -11.85 4.58 -11.61
N TYR A 64 -11.69 5.24 -12.76
CA TYR A 64 -12.31 6.54 -12.99
C TYR A 64 -13.83 6.51 -12.84
N ASN A 65 -14.45 5.38 -13.21
CA ASN A 65 -15.90 5.25 -13.11
C ASN A 65 -16.38 4.56 -11.84
N TYR A 66 -15.46 4.15 -10.98
CA TYR A 66 -15.84 3.49 -9.75
C TYR A 66 -16.34 4.51 -8.72
N ARG A 67 -17.30 4.10 -7.90
CA ARG A 67 -17.85 4.97 -6.87
C ARG A 67 -17.99 4.15 -5.59
N HIS A 68 -17.75 4.78 -4.44
CA HIS A 68 -17.86 4.07 -3.18
C HIS A 68 -19.18 3.29 -3.12
N GLY A 69 -19.14 2.10 -2.54
CA GLY A 69 -20.34 1.30 -2.42
C GLY A 69 -20.49 0.21 -3.46
N GLN A 70 -20.18 0.53 -4.70
CA GLN A 70 -20.29 -0.43 -5.80
C GLN A 70 -19.22 -1.50 -5.71
N PRO A 71 -19.49 -2.70 -6.27
CA PRO A 71 -18.47 -3.74 -6.20
C PRO A 71 -17.42 -3.42 -7.25
N ILE A 72 -16.17 -3.83 -7.01
CA ILE A 72 -15.10 -3.56 -7.95
C ILE A 72 -15.25 -4.46 -9.18
N PRO A 73 -15.39 -3.86 -10.36
CA PRO A 73 -15.54 -4.63 -11.60
C PRO A 73 -14.50 -5.74 -11.77
N ARG A 74 -14.97 -6.95 -12.07
CA ARG A 74 -14.05 -8.06 -12.26
C ARG A 74 -13.47 -7.94 -13.66
N VAL A 75 -12.24 -8.40 -13.84
CA VAL A 75 -11.62 -8.33 -15.15
C VAL A 75 -10.99 -9.66 -15.52
N GLU A 76 -11.15 -10.04 -16.78
CA GLU A 76 -10.59 -11.29 -17.25
C GLU A 76 -9.17 -11.00 -17.74
N TYR A 77 -8.19 -11.48 -16.99
CA TYR A 77 -6.80 -11.26 -17.35
C TYR A 77 -6.38 -12.19 -18.47
N MET A 78 -5.51 -11.69 -19.33
CA MET A 78 -5.00 -12.46 -20.47
C MET A 78 -3.95 -13.46 -20.01
N GLU A 79 -3.66 -14.45 -20.83
CA GLU A 79 -2.66 -15.45 -20.44
C GLU A 79 -1.30 -14.80 -20.21
N GLU A 80 -0.97 -13.81 -21.04
CA GLU A 80 0.29 -13.11 -20.90
C GLU A 80 0.43 -12.49 -19.50
N GLU A 81 -0.65 -11.88 -19.01
CA GLU A 81 -0.66 -11.24 -17.70
C GLU A 81 -0.57 -12.26 -16.56
N LYS A 82 -1.26 -13.37 -16.70
CA LYS A 82 -1.23 -14.41 -15.67
C LYS A 82 0.16 -15.02 -15.57
N LYS A 83 0.88 -15.05 -16.69
CA LYS A 83 2.23 -15.59 -16.70
C LYS A 83 3.13 -14.65 -15.90
N THR A 84 3.00 -13.36 -16.16
CA THR A 84 3.80 -12.36 -15.44
C THR A 84 3.53 -12.50 -13.94
N TRP A 85 2.26 -12.64 -13.59
CA TRP A 85 1.89 -12.81 -12.20
C TRP A 85 2.52 -14.06 -11.61
N GLY A 86 2.41 -15.17 -12.34
CA GLY A 86 2.99 -16.43 -11.87
C GLY A 86 4.46 -16.38 -11.56
N THR A 87 5.21 -15.65 -12.38
CA THR A 87 6.65 -15.48 -12.21
C THR A 87 6.96 -14.74 -10.91
N VAL A 88 6.26 -13.63 -10.70
CA VAL A 88 6.44 -12.81 -9.52
C VAL A 88 6.01 -13.58 -8.26
N PHE A 89 4.89 -14.29 -8.39
CA PHE A 89 4.34 -15.07 -7.29
C PHE A 89 5.29 -16.18 -6.85
N LYS A 90 5.72 -16.98 -7.82
CA LYS A 90 6.61 -18.11 -7.57
C LYS A 90 7.92 -17.71 -6.91
N THR A 91 8.60 -16.73 -7.48
CA THR A 91 9.89 -16.28 -6.95
C THR A 91 9.80 -15.68 -5.56
N LEU A 92 8.87 -14.75 -5.34
CA LEU A 92 8.72 -14.11 -4.04
C LEU A 92 8.29 -15.05 -2.92
N LYS A 93 7.25 -15.83 -3.19
CA LYS A 93 6.73 -16.75 -2.19
C LYS A 93 7.80 -17.64 -1.53
N SER A 94 8.88 -17.93 -2.24
CA SER A 94 9.93 -18.79 -1.69
C SER A 94 10.73 -18.10 -0.58
N LEU A 95 10.46 -16.82 -0.35
CA LEU A 95 11.18 -16.06 0.67
C LEU A 95 10.38 -15.73 1.92
N TYR A 96 9.05 -15.69 1.78
CA TYR A 96 8.17 -15.31 2.89
C TYR A 96 8.29 -16.07 4.21
N LYS A 97 8.30 -17.39 4.14
CA LYS A 97 8.38 -18.18 5.36
C LYS A 97 9.56 -17.81 6.26
N THR A 98 10.68 -17.43 5.67
CA THR A 98 11.85 -17.06 6.45
C THR A 98 12.10 -15.54 6.58
N HIS A 99 11.61 -14.75 5.63
CA HIS A 99 11.84 -13.30 5.65
C HIS A 99 10.67 -12.43 6.07
N ALA A 100 9.44 -12.89 5.82
CA ALA A 100 8.24 -12.11 6.16
C ALA A 100 7.81 -12.24 7.61
N CYS A 101 7.23 -11.18 8.17
CA CYS A 101 6.79 -11.21 9.55
C CYS A 101 5.68 -12.24 9.76
N TYR A 102 5.46 -12.60 11.02
CA TYR A 102 4.44 -13.59 11.37
C TYR A 102 3.08 -13.24 10.79
N GLU A 103 2.66 -11.99 10.94
CA GLU A 103 1.38 -11.56 10.43
C GLU A 103 1.19 -11.96 8.97
N TYR A 104 2.24 -11.81 8.18
CA TYR A 104 2.18 -12.14 6.76
C TYR A 104 1.96 -13.63 6.53
N ASN A 105 2.79 -14.46 7.14
CA ASN A 105 2.70 -15.89 6.97
C ASN A 105 1.43 -16.49 7.54
N HIS A 106 0.92 -15.89 8.61
CA HIS A 106 -0.29 -16.36 9.23
C HIS A 106 -1.48 -16.21 8.28
N ILE A 107 -1.53 -15.09 7.55
CA ILE A 107 -2.66 -14.85 6.65
C ILE A 107 -2.53 -15.39 5.22
N PHE A 108 -1.30 -15.55 4.73
CA PHE A 108 -1.10 -16.02 3.36
C PHE A 108 -1.83 -17.32 3.01
N PRO A 109 -1.77 -18.32 3.89
CA PRO A 109 -2.47 -19.57 3.55
C PRO A 109 -3.96 -19.34 3.33
N LEU A 110 -4.52 -18.39 4.09
CA LEU A 110 -5.95 -18.06 4.01
C LEU A 110 -6.27 -17.33 2.72
N LEU A 111 -5.34 -16.48 2.27
CA LEU A 111 -5.52 -15.75 1.03
C LEU A 111 -5.48 -16.74 -0.14
N GLU A 112 -4.59 -17.71 -0.06
CA GLU A 112 -4.46 -18.70 -1.12
C GLU A 112 -5.73 -19.55 -1.25
N LYS A 113 -6.40 -19.80 -0.13
CA LYS A 113 -7.61 -20.61 -0.14
C LYS A 113 -8.92 -19.89 -0.40
N TYR A 114 -9.03 -18.64 0.05
CA TYR A 114 -10.29 -17.91 -0.17
C TYR A 114 -10.24 -16.78 -1.19
N CYS A 115 -9.04 -16.42 -1.64
CA CYS A 115 -8.94 -15.34 -2.61
C CYS A 115 -8.33 -15.77 -3.92
N GLY A 116 -7.94 -17.04 -4.02
CA GLY A 116 -7.36 -17.52 -5.25
C GLY A 116 -5.94 -17.07 -5.49
N PHE A 117 -5.15 -16.98 -4.43
CA PHE A 117 -3.75 -16.58 -4.56
C PHE A 117 -2.96 -17.81 -5.03
N HIS A 118 -2.75 -17.90 -6.34
CA HIS A 118 -2.00 -19.02 -6.93
C HIS A 118 -1.21 -18.44 -8.08
N GLU A 119 -0.14 -19.12 -8.51
CA GLU A 119 0.67 -18.59 -9.60
C GLU A 119 -0.05 -18.59 -10.94
N ASP A 120 -1.12 -19.37 -11.08
CA ASP A 120 -1.82 -19.42 -12.35
C ASP A 120 -3.14 -18.65 -12.32
N ASN A 121 -3.26 -17.75 -11.35
CA ASN A 121 -4.49 -16.98 -11.21
C ASN A 121 -4.28 -15.65 -10.53
N ILE A 122 -4.77 -14.58 -11.14
CA ILE A 122 -4.67 -13.26 -10.54
C ILE A 122 -5.94 -12.99 -9.75
N PRO A 123 -5.81 -12.81 -8.44
CA PRO A 123 -6.99 -12.55 -7.59
C PRO A 123 -7.77 -11.32 -8.07
N GLN A 124 -9.09 -11.38 -7.92
CA GLN A 124 -9.94 -10.24 -8.30
C GLN A 124 -10.02 -9.32 -7.09
N LEU A 125 -9.91 -8.01 -7.31
CA LEU A 125 -9.93 -7.05 -6.21
C LEU A 125 -11.22 -7.12 -5.38
N GLU A 126 -12.34 -7.44 -6.03
CA GLU A 126 -13.60 -7.53 -5.30
C GLU A 126 -13.52 -8.62 -4.23
N ASP A 127 -12.94 -9.77 -4.58
CA ASP A 127 -12.82 -10.86 -3.61
C ASP A 127 -11.84 -10.49 -2.50
N VAL A 128 -10.76 -9.82 -2.87
CA VAL A 128 -9.76 -9.42 -1.89
C VAL A 128 -10.35 -8.38 -0.94
N SER A 129 -11.13 -7.45 -1.48
CA SER A 129 -11.74 -6.42 -0.65
C SER A 129 -12.70 -7.04 0.37
N GLN A 130 -13.53 -7.98 -0.09
CA GLN A 130 -14.47 -8.64 0.82
C GLN A 130 -13.70 -9.35 1.94
N PHE A 131 -12.60 -10.00 1.57
CA PHE A 131 -11.77 -10.72 2.52
C PHE A 131 -11.21 -9.77 3.58
N LEU A 132 -10.65 -8.65 3.13
CA LEU A 132 -10.09 -7.68 4.07
C LEU A 132 -11.17 -7.09 4.97
N GLN A 133 -12.36 -6.89 4.43
CA GLN A 133 -13.43 -6.34 5.25
C GLN A 133 -13.72 -7.29 6.40
N THR A 134 -13.76 -8.58 6.11
CA THR A 134 -14.03 -9.58 7.15
C THR A 134 -12.91 -9.61 8.17
N CYS A 135 -11.70 -9.23 7.76
CA CYS A 135 -10.57 -9.26 8.69
C CYS A 135 -10.45 -8.04 9.59
N THR A 136 -10.51 -6.86 8.99
CA THR A 136 -10.34 -5.61 9.74
C THR A 136 -11.23 -4.46 9.29
N GLY A 137 -12.09 -4.72 8.33
CA GLY A 137 -12.94 -3.66 7.84
C GLY A 137 -12.23 -2.86 6.76
N PHE A 138 -11.03 -3.29 6.40
CA PHE A 138 -10.29 -2.57 5.35
C PHE A 138 -10.93 -2.95 4.03
N ARG A 139 -11.00 -2.00 3.12
CA ARG A 139 -11.58 -2.28 1.82
C ARG A 139 -10.71 -1.67 0.76
N LEU A 140 -10.86 -2.15 -0.47
CA LEU A 140 -10.09 -1.64 -1.58
C LEU A 140 -10.96 -0.80 -2.48
N ARG A 141 -10.31 0.10 -3.21
CA ARG A 141 -10.96 0.94 -4.18
C ARG A 141 -9.96 0.96 -5.32
N PRO A 142 -10.39 0.62 -6.54
CA PRO A 142 -9.45 0.65 -7.66
C PRO A 142 -8.99 2.08 -7.92
N VAL A 143 -7.70 2.26 -8.21
CA VAL A 143 -7.19 3.59 -8.49
C VAL A 143 -6.49 3.64 -9.84
N ALA A 144 -6.79 4.68 -10.61
CA ALA A 144 -6.23 4.87 -11.94
C ALA A 144 -4.71 4.98 -11.95
N GLY A 145 -4.18 5.92 -11.17
CA GLY A 145 -2.74 6.12 -11.11
C GLY A 145 -2.30 6.69 -9.79
N LEU A 146 -1.22 7.47 -9.81
CA LEU A 146 -0.69 8.08 -8.60
C LEU A 146 -1.53 9.24 -8.05
N LEU A 147 -1.95 9.10 -6.81
CA LEU A 147 -2.74 10.11 -6.11
C LEU A 147 -1.78 10.97 -5.31
N SER A 148 -2.21 12.18 -4.95
CA SER A 148 -1.35 13.04 -4.14
C SER A 148 -1.15 12.30 -2.82
N SER A 149 -0.15 12.70 -2.05
CA SER A 149 0.07 12.05 -0.77
C SER A 149 -1.12 12.33 0.14
N ARG A 150 -1.64 13.54 0.09
CA ARG A 150 -2.77 13.92 0.94
C ARG A 150 -3.99 13.03 0.70
N ASP A 151 -4.34 12.82 -0.57
CA ASP A 151 -5.50 11.99 -0.91
C ASP A 151 -5.27 10.51 -0.61
N PHE A 152 -4.10 10.00 -0.95
CA PHE A 152 -3.81 8.59 -0.71
C PHE A 152 -3.85 8.26 0.78
N LEU A 153 -3.20 9.08 1.59
CA LEU A 153 -3.17 8.85 3.03
C LEU A 153 -4.53 9.12 3.67
N GLY A 154 -5.29 10.06 3.11
CA GLY A 154 -6.60 10.36 3.66
C GLY A 154 -7.48 9.12 3.68
N GLY A 155 -7.41 8.35 2.59
CA GLY A 155 -8.20 7.13 2.51
C GLY A 155 -7.95 6.18 3.66
N LEU A 156 -6.71 6.09 4.14
CA LEU A 156 -6.39 5.19 5.23
C LEU A 156 -7.19 5.50 6.49
N ALA A 157 -7.60 6.76 6.65
CA ALA A 157 -8.37 7.17 7.82
C ALA A 157 -9.69 6.40 7.90
N PHE A 158 -10.22 6.02 6.74
CA PHE A 158 -11.48 5.27 6.63
C PHE A 158 -11.20 3.79 6.43
N ARG A 159 -9.93 3.41 6.59
CA ARG A 159 -9.48 2.04 6.36
C ARG A 159 -9.85 1.66 4.92
N VAL A 160 -9.47 2.54 4.00
CA VAL A 160 -9.69 2.36 2.57
C VAL A 160 -8.33 2.46 1.89
N PHE A 161 -7.97 1.43 1.12
CA PHE A 161 -6.68 1.41 0.41
C PHE A 161 -6.93 1.56 -1.10
N HIS A 162 -6.39 2.63 -1.68
CA HIS A 162 -6.52 2.86 -3.12
C HIS A 162 -5.53 1.87 -3.71
N CYS A 163 -6.07 0.94 -4.49
CA CYS A 163 -5.33 -0.17 -5.03
C CYS A 163 -5.29 -0.27 -6.56
N THR A 164 -4.10 -0.47 -7.14
CA THR A 164 -4.04 -0.58 -8.59
C THR A 164 -4.54 -1.96 -9.04
N GLN A 165 -5.08 -2.03 -10.25
CA GLN A 165 -5.63 -3.26 -10.79
C GLN A 165 -4.86 -3.77 -11.99
N TYR A 166 -4.10 -2.89 -12.63
CA TYR A 166 -3.29 -3.25 -13.80
C TYR A 166 -2.02 -3.96 -13.35
N ILE A 167 -1.34 -4.62 -14.29
CA ILE A 167 -0.12 -5.35 -13.97
C ILE A 167 1.06 -4.80 -14.78
N ARG A 168 2.27 -5.00 -14.27
CA ARG A 168 3.47 -4.55 -14.94
C ARG A 168 3.56 -5.20 -16.32
N HIS A 169 4.43 -4.63 -17.17
CA HIS A 169 4.61 -5.16 -18.52
C HIS A 169 5.34 -6.50 -18.45
N GLY A 170 4.88 -7.46 -19.27
CA GLY A 170 5.46 -8.79 -19.29
C GLY A 170 6.92 -8.94 -19.66
N SER A 171 7.52 -7.94 -20.30
CA SER A 171 8.92 -8.03 -20.71
C SER A 171 9.86 -8.09 -19.50
N LYS A 172 9.44 -7.49 -18.39
CA LYS A 172 10.25 -7.48 -17.18
C LYS A 172 9.42 -7.77 -15.94
N PRO A 173 9.05 -9.04 -15.74
CA PRO A 173 8.24 -9.45 -14.59
C PRO A 173 8.86 -9.17 -13.22
N MET A 174 10.18 -9.17 -13.13
CA MET A 174 10.84 -8.92 -11.86
C MET A 174 11.13 -7.44 -11.62
N TYR A 175 10.48 -6.57 -12.41
CA TYR A 175 10.70 -5.15 -12.28
C TYR A 175 9.48 -4.29 -12.59
N THR A 176 9.29 -3.24 -11.79
CA THR A 176 8.20 -2.29 -12.01
C THR A 176 8.58 -0.94 -11.41
N PRO A 177 8.50 0.12 -12.21
CA PRO A 177 8.84 1.48 -11.76
C PRO A 177 7.65 2.14 -11.05
N GLU A 178 6.61 1.36 -10.79
CA GLU A 178 5.40 1.87 -10.18
C GLU A 178 4.71 0.75 -9.44
N PRO A 179 3.68 1.09 -8.67
CA PRO A 179 2.97 0.03 -7.97
C PRO A 179 2.07 -0.62 -9.01
N ASP A 180 1.91 -1.94 -8.94
CA ASP A 180 1.03 -2.64 -9.86
C ASP A 180 0.34 -3.67 -8.96
N ILE A 181 -0.53 -4.47 -9.54
CA ILE A 181 -1.28 -5.45 -8.77
C ILE A 181 -0.44 -6.50 -8.00
N CYS A 182 0.70 -6.91 -8.54
CA CYS A 182 1.54 -7.87 -7.84
C CYS A 182 1.99 -7.22 -6.54
N HIS A 183 2.38 -5.95 -6.64
CA HIS A 183 2.83 -5.17 -5.49
C HIS A 183 1.72 -4.99 -4.44
N GLU A 184 0.54 -4.58 -4.89
CA GLU A 184 -0.58 -4.35 -3.98
C GLU A 184 -0.99 -5.64 -3.24
N LEU A 185 -1.23 -6.70 -4.00
CA LEU A 185 -1.68 -7.98 -3.45
C LEU A 185 -0.65 -8.79 -2.67
N LEU A 186 0.58 -8.88 -3.16
CA LEU A 186 1.62 -9.63 -2.45
C LEU A 186 2.35 -8.80 -1.39
N GLY A 187 2.37 -7.49 -1.57
CA GLY A 187 3.05 -6.62 -0.61
C GLY A 187 2.19 -5.98 0.47
N HIS A 188 1.10 -5.32 0.07
CA HIS A 188 0.20 -4.62 0.98
C HIS A 188 -0.89 -5.43 1.67
N VAL A 189 -1.76 -6.03 0.87
CA VAL A 189 -2.89 -6.80 1.36
C VAL A 189 -2.71 -7.69 2.58
N PRO A 190 -1.68 -8.55 2.57
CA PRO A 190 -1.49 -9.43 3.73
C PRO A 190 -1.39 -8.68 5.05
N LEU A 191 -0.71 -7.54 5.06
CA LEU A 191 -0.58 -6.78 6.29
C LEU A 191 -1.89 -6.08 6.68
N PHE A 192 -2.68 -5.63 5.70
CA PHE A 192 -3.95 -4.97 6.00
C PHE A 192 -4.98 -5.95 6.58
N SER A 193 -4.60 -7.21 6.67
CA SER A 193 -5.48 -8.24 7.21
C SER A 193 -5.25 -8.39 8.70
N ASP A 194 -4.24 -7.68 9.21
CA ASP A 194 -3.93 -7.73 10.62
C ASP A 194 -4.50 -6.53 11.36
N ARG A 195 -5.19 -6.83 12.45
CA ARG A 195 -5.83 -5.79 13.24
C ARG A 195 -4.88 -4.69 13.69
N SER A 196 -3.76 -5.07 14.30
CA SER A 196 -2.79 -4.10 14.78
C SER A 196 -2.21 -3.23 13.66
N PHE A 197 -1.91 -3.85 12.53
CA PHE A 197 -1.35 -3.10 11.42
C PHE A 197 -2.42 -2.17 10.87
N ALA A 198 -3.64 -2.68 10.78
CA ALA A 198 -4.77 -1.90 10.30
C ALA A 198 -4.92 -0.62 11.11
N GLN A 199 -4.93 -0.76 12.43
CA GLN A 199 -5.08 0.39 13.32
C GLN A 199 -3.88 1.34 13.15
N PHE A 200 -2.70 0.77 13.00
CA PHE A 200 -1.49 1.55 12.82
C PHE A 200 -1.58 2.36 11.53
N SER A 201 -1.81 1.69 10.40
CA SER A 201 -1.90 2.41 9.14
C SER A 201 -3.00 3.48 9.18
N GLN A 202 -4.11 3.17 9.83
CA GLN A 202 -5.23 4.12 9.95
C GLN A 202 -4.82 5.36 10.75
N GLU A 203 -3.97 5.17 11.75
CA GLU A 203 -3.50 6.27 12.58
C GLU A 203 -2.75 7.28 11.70
N ILE A 204 -2.05 6.76 10.69
CA ILE A 204 -1.32 7.61 9.77
C ILE A 204 -2.33 8.42 8.96
N GLY A 205 -3.36 7.73 8.47
CA GLY A 205 -4.39 8.40 7.70
C GLY A 205 -5.09 9.49 8.48
N LEU A 206 -5.40 9.22 9.75
CA LEU A 206 -6.07 10.19 10.61
C LEU A 206 -5.21 11.43 10.86
N ALA A 207 -3.91 11.23 10.98
CA ALA A 207 -2.99 12.33 11.23
C ALA A 207 -2.90 13.28 10.05
N SER A 208 -3.14 12.76 8.85
CA SER A 208 -3.06 13.55 7.63
C SER A 208 -4.26 14.45 7.35
N LEU A 209 -5.41 14.14 7.95
CA LEU A 209 -6.61 14.92 7.72
C LEU A 209 -6.49 16.38 8.12
N GLY A 210 -6.53 17.26 7.12
CA GLY A 210 -6.42 18.69 7.34
C GLY A 210 -5.05 19.14 7.78
N ALA A 211 -4.05 18.27 7.65
CA ALA A 211 -2.70 18.63 8.04
C ALA A 211 -2.09 19.54 6.97
N PRO A 212 -1.16 20.43 7.36
CA PRO A 212 -0.51 21.34 6.41
C PRO A 212 0.33 20.53 5.42
N ASP A 213 0.47 21.03 4.20
CA ASP A 213 1.24 20.34 3.16
C ASP A 213 2.59 19.84 3.68
N GLU A 214 3.30 20.67 4.44
CA GLU A 214 4.62 20.27 4.95
C GLU A 214 4.59 19.05 5.88
N TYR A 215 3.54 18.93 6.68
CA TYR A 215 3.46 17.78 7.57
C TYR A 215 2.96 16.56 6.83
N ILE A 216 2.30 16.78 5.70
CA ILE A 216 1.80 15.68 4.89
C ILE A 216 3.02 14.97 4.30
N GLU A 217 4.02 15.77 3.91
CA GLU A 217 5.23 15.21 3.33
C GLU A 217 5.97 14.42 4.40
N LYS A 218 5.86 14.86 5.65
CA LYS A 218 6.48 14.19 6.78
C LYS A 218 5.80 12.85 7.04
N LEU A 219 4.48 12.82 6.91
CA LEU A 219 3.74 11.58 7.11
C LEU A 219 4.01 10.62 5.96
N ALA A 220 4.24 11.17 4.77
CA ALA A 220 4.53 10.36 3.59
C ALA A 220 5.86 9.66 3.81
N THR A 221 6.80 10.37 4.42
CA THR A 221 8.12 9.82 4.68
C THR A 221 8.04 8.74 5.76
N ILE A 222 7.23 8.98 6.79
CA ILE A 222 7.05 8.01 7.85
C ILE A 222 6.43 6.74 7.24
N TYR A 223 5.44 6.96 6.37
CA TYR A 223 4.76 5.86 5.69
C TYR A 223 5.79 5.04 4.90
N TRP A 224 6.69 5.73 4.20
CA TRP A 224 7.72 5.07 3.42
C TRP A 224 8.58 4.13 4.26
N PHE A 225 9.00 4.59 5.44
CA PHE A 225 9.84 3.79 6.32
C PHE A 225 9.10 2.80 7.20
N THR A 226 7.79 2.68 7.03
CA THR A 226 7.00 1.73 7.81
C THR A 226 6.17 0.85 6.87
N VAL A 227 5.05 1.38 6.38
CA VAL A 227 4.18 0.63 5.47
C VAL A 227 4.88 0.11 4.21
N GLU A 228 5.82 0.89 3.68
CA GLU A 228 6.54 0.48 2.46
C GLU A 228 7.84 -0.30 2.64
N PHE A 229 8.73 0.18 3.50
CA PHE A 229 10.00 -0.51 3.69
C PHE A 229 10.35 -0.76 5.15
N GLY A 230 9.33 -0.91 5.99
CA GLY A 230 9.55 -1.15 7.40
C GLY A 230 9.94 -2.54 7.82
N LEU A 231 10.71 -2.62 8.90
CA LEU A 231 11.14 -3.89 9.47
C LEU A 231 10.57 -3.88 10.88
N CYS A 232 10.28 -5.05 11.43
CA CYS A 232 9.73 -5.10 12.78
C CYS A 232 10.38 -6.21 13.61
N LYS A 233 10.42 -6.01 14.92
CA LYS A 233 10.99 -7.01 15.81
C LYS A 233 9.96 -8.11 15.95
N GLN A 234 10.44 -9.34 16.10
CA GLN A 234 9.56 -10.51 16.26
C GLN A 234 10.29 -11.45 17.21
N GLY A 235 10.00 -11.31 18.50
CA GLY A 235 10.68 -12.13 19.48
C GLY A 235 12.09 -11.57 19.54
N ASP A 236 13.10 -12.41 19.35
CA ASP A 236 14.48 -11.95 19.37
C ASP A 236 15.00 -11.73 17.95
N SER A 237 14.13 -11.87 16.96
CA SER A 237 14.52 -11.70 15.55
C SER A 237 13.94 -10.43 14.95
N ILE A 238 14.23 -10.22 13.67
CA ILE A 238 13.74 -9.07 12.92
C ILE A 238 13.20 -9.57 11.57
N LYS A 239 12.01 -9.09 11.19
CA LYS A 239 11.35 -9.51 9.95
C LYS A 239 10.84 -8.31 9.16
N ALA A 240 10.57 -8.52 7.87
CA ALA A 240 10.05 -7.44 7.03
C ALA A 240 8.54 -7.41 7.04
N TYR A 241 7.97 -6.21 6.93
CA TYR A 241 6.52 -6.06 6.87
C TYR A 241 6.18 -4.98 5.83
N GLY A 242 7.20 -4.25 5.38
CA GLY A 242 6.98 -3.21 4.38
C GLY A 242 6.57 -3.83 3.04
N ALA A 243 5.57 -3.24 2.40
CA ALA A 243 5.04 -3.72 1.12
C ALA A 243 6.06 -3.65 -0.03
N GLY A 244 6.96 -2.67 0.05
CA GLY A 244 7.97 -2.51 -0.98
C GLY A 244 9.04 -3.59 -0.87
N LEU A 245 9.24 -4.11 0.34
CA LEU A 245 10.20 -5.17 0.56
C LEU A 245 9.57 -6.51 0.22
N LEU A 246 8.34 -6.70 0.68
CA LEU A 246 7.63 -7.94 0.44
C LEU A 246 7.29 -8.18 -1.02
N SER A 247 7.40 -7.16 -1.86
CA SER A 247 7.12 -7.33 -3.29
C SER A 247 8.39 -7.18 -4.12
N SER A 248 9.54 -7.23 -3.44
CA SER A 248 10.85 -7.09 -4.09
C SER A 248 11.78 -8.24 -3.71
N PHE A 249 11.89 -9.22 -4.61
CA PHE A 249 12.73 -10.39 -4.39
C PHE A 249 14.15 -10.04 -3.96
N GLY A 250 14.74 -9.04 -4.60
CA GLY A 250 16.11 -8.66 -4.29
C GLY A 250 16.27 -7.95 -2.96
N GLU A 251 15.49 -6.89 -2.76
CA GLU A 251 15.59 -6.14 -1.53
C GLU A 251 15.10 -6.88 -0.30
N LEU A 252 14.15 -7.80 -0.47
CA LEU A 252 13.62 -8.57 0.66
C LEU A 252 14.73 -9.41 1.30
N GLN A 253 15.60 -9.97 0.46
CA GLN A 253 16.71 -10.77 0.98
C GLN A 253 17.79 -9.84 1.53
N TYR A 254 18.01 -8.73 0.82
CA TYR A 254 18.99 -7.73 1.22
C TYR A 254 18.71 -7.08 2.58
N CYS A 255 17.46 -6.69 2.79
CA CYS A 255 17.02 -6.00 4.01
C CYS A 255 17.31 -6.74 5.32
N LEU A 256 17.48 -8.06 5.26
CA LEU A 256 17.74 -8.84 6.45
C LEU A 256 19.16 -9.39 6.51
N SER A 257 20.05 -8.84 5.69
CA SER A 257 21.46 -9.23 5.67
C SER A 257 22.24 -8.20 6.46
N GLU A 258 23.57 -8.34 6.53
CA GLU A 258 24.38 -7.39 7.27
C GLU A 258 24.73 -6.12 6.50
N LYS A 259 24.28 -6.00 5.26
CA LYS A 259 24.62 -4.82 4.49
C LYS A 259 23.94 -3.51 4.88
N PRO A 260 22.59 -3.51 4.99
CA PRO A 260 21.88 -2.28 5.36
C PRO A 260 22.07 -1.86 6.81
N LYS A 261 21.84 -0.57 7.08
CA LYS A 261 21.97 -0.03 8.42
C LYS A 261 20.58 -0.06 9.06
N LEU A 262 20.49 -0.48 10.32
CA LEU A 262 19.22 -0.53 11.01
C LEU A 262 19.21 0.43 12.20
N LEU A 263 18.11 1.16 12.35
CA LEU A 263 17.95 2.10 13.45
C LEU A 263 16.54 1.97 14.03
N PRO A 264 16.38 2.28 15.32
CA PRO A 264 15.07 2.18 15.96
C PRO A 264 14.11 3.18 15.31
N LEU A 265 12.83 2.84 15.26
CA LEU A 265 11.85 3.75 14.68
C LEU A 265 11.69 4.96 15.62
N GLU A 266 12.04 6.15 15.12
CA GLU A 266 11.96 7.42 15.86
C GLU A 266 11.41 8.48 14.92
N LEU A 267 10.10 8.71 14.97
CA LEU A 267 9.45 9.68 14.09
C LEU A 267 10.10 11.04 13.95
N GLU A 268 10.62 11.58 15.05
CA GLU A 268 11.27 12.88 14.99
C GLU A 268 12.45 12.83 14.02
N LYS A 269 13.07 11.66 13.89
CA LYS A 269 14.19 11.50 12.99
C LYS A 269 13.71 10.89 11.66
N THR A 270 12.91 9.84 11.76
CA THR A 270 12.37 9.16 10.58
C THR A 270 11.64 10.11 9.63
N ALA A 271 10.78 10.95 10.20
CA ALA A 271 9.98 11.91 9.44
C ALA A 271 10.77 12.86 8.52
N ILE A 272 12.04 13.07 8.83
CA ILE A 272 12.88 13.97 8.03
C ILE A 272 14.01 13.24 7.30
N GLN A 273 13.99 11.92 7.35
CA GLN A 273 15.03 11.15 6.68
C GLN A 273 14.81 11.10 5.18
N ASN A 274 15.86 11.44 4.42
CA ASN A 274 15.79 11.42 2.96
C ASN A 274 15.90 9.98 2.43
N TYR A 275 15.43 9.77 1.20
CA TYR A 275 15.49 8.45 0.59
C TYR A 275 15.26 8.54 -0.91
N THR A 276 15.59 7.47 -1.62
CA THR A 276 15.39 7.41 -3.06
C THR A 276 14.70 6.09 -3.39
N VAL A 277 13.97 6.05 -4.50
CA VAL A 277 13.25 4.85 -4.91
C VAL A 277 13.92 4.15 -6.08
N THR A 278 15.21 4.42 -6.30
CA THR A 278 15.92 3.83 -7.41
C THR A 278 16.77 2.61 -7.06
N GLU A 279 17.27 2.55 -5.84
CA GLU A 279 18.10 1.42 -5.42
C GLU A 279 17.66 0.94 -4.03
N PHE A 280 18.28 -0.14 -3.56
CA PHE A 280 17.95 -0.67 -2.24
C PHE A 280 18.18 0.41 -1.19
N GLN A 281 17.38 0.38 -0.13
CA GLN A 281 17.51 1.35 0.95
C GLN A 281 18.76 1.03 1.77
N PRO A 282 19.62 2.04 2.02
CA PRO A 282 20.83 1.84 2.81
C PRO A 282 20.50 1.83 4.30
N LEU A 283 19.32 2.34 4.63
CA LEU A 283 18.85 2.42 6.01
C LEU A 283 17.38 2.05 6.17
N TYR A 284 17.07 1.25 7.18
CA TYR A 284 15.70 0.85 7.49
C TYR A 284 15.42 1.16 8.96
N TYR A 285 14.16 1.45 9.27
CA TYR A 285 13.78 1.70 10.66
C TYR A 285 13.05 0.46 11.16
N VAL A 286 13.37 0.04 12.39
CA VAL A 286 12.78 -1.13 13.00
C VAL A 286 11.71 -0.77 14.03
N ALA A 287 10.49 -1.25 13.82
CA ALA A 287 9.38 -0.97 14.74
C ALA A 287 9.34 -2.05 15.83
N GLU A 288 9.13 -1.62 17.08
CA GLU A 288 9.05 -2.55 18.20
C GLU A 288 7.87 -3.48 17.96
N SER A 289 6.81 -2.91 17.41
CA SER A 289 5.58 -3.63 17.10
C SER A 289 4.66 -2.65 16.40
N PHE A 290 3.57 -3.16 15.85
CA PHE A 290 2.61 -2.32 15.15
C PHE A 290 1.86 -1.43 16.15
N ASN A 291 1.63 -1.92 17.37
CA ASN A 291 0.95 -1.10 18.37
C ASN A 291 1.84 0.05 18.81
N ASP A 292 3.12 -0.24 19.05
CA ASP A 292 4.05 0.80 19.47
C ASP A 292 4.18 1.86 18.38
N ALA A 293 4.29 1.41 17.14
CA ALA A 293 4.42 2.32 16.01
C ALA A 293 3.18 3.21 15.93
N LYS A 294 2.02 2.63 16.21
CA LYS A 294 0.76 3.38 16.16
C LYS A 294 0.74 4.47 17.22
N GLU A 295 1.25 4.14 18.41
CA GLU A 295 1.28 5.11 19.49
C GLU A 295 2.25 6.25 19.15
N LYS A 296 3.36 5.91 18.49
CA LYS A 296 4.35 6.90 18.10
C LYS A 296 3.75 7.85 17.05
N VAL A 297 2.92 7.31 16.17
CA VAL A 297 2.27 8.11 15.15
C VAL A 297 1.29 9.06 15.82
N ARG A 298 0.51 8.54 16.76
CA ARG A 298 -0.46 9.34 17.48
C ARG A 298 0.22 10.52 18.15
N ASN A 299 1.36 10.25 18.79
CA ASN A 299 2.10 11.31 19.47
C ASN A 299 2.62 12.34 18.47
N PHE A 300 3.08 11.84 17.32
CA PHE A 300 3.59 12.72 16.28
C PHE A 300 2.42 13.55 15.75
N ALA A 301 1.26 12.91 15.58
CA ALA A 301 0.09 13.60 15.07
C ALA A 301 -0.31 14.80 15.94
N ALA A 302 -0.09 14.68 17.24
CA ALA A 302 -0.42 15.75 18.17
C ALA A 302 0.46 16.98 17.94
N THR A 303 1.61 16.78 17.30
CA THR A 303 2.50 17.90 17.03
C THR A 303 2.12 18.61 15.75
N ILE A 304 1.19 18.03 14.98
CA ILE A 304 0.77 18.65 13.73
C ILE A 304 -0.21 19.80 13.97
N PRO A 305 0.14 21.00 13.49
CA PRO A 305 -0.71 22.18 13.64
C PRO A 305 -2.08 22.02 12.99
N ARG A 306 -3.07 21.69 13.81
CA ARG A 306 -4.43 21.52 13.34
C ARG A 306 -5.36 22.13 14.40
N PRO A 307 -6.25 23.03 13.98
CA PRO A 307 -7.19 23.70 14.89
C PRO A 307 -8.32 22.78 15.31
N PHE A 308 -8.08 21.47 15.25
CA PHE A 308 -9.09 20.50 15.64
C PHE A 308 -8.51 19.10 15.85
N SER A 309 -9.37 18.20 16.30
CA SER A 309 -9.00 16.81 16.55
C SER A 309 -9.95 15.96 15.70
N VAL A 310 -9.48 14.83 15.20
CA VAL A 310 -10.33 13.97 14.39
C VAL A 310 -10.45 12.56 14.95
N ARG A 311 -11.54 11.89 14.60
CA ARG A 311 -11.79 10.52 15.04
C ARG A 311 -12.68 9.89 13.98
N TYR A 312 -12.50 8.60 13.76
CA TYR A 312 -13.34 7.92 12.78
C TYR A 312 -14.37 7.08 13.51
N ASP A 313 -15.61 7.16 13.05
CA ASP A 313 -16.69 6.37 13.64
C ASP A 313 -17.06 5.29 12.64
N PRO A 314 -16.62 4.04 12.87
CA PRO A 314 -16.94 2.95 11.94
C PRO A 314 -18.43 2.66 11.87
N TYR A 315 -19.18 3.02 12.92
CA TYR A 315 -20.62 2.77 12.94
C TYR A 315 -21.35 3.53 11.84
N THR A 316 -20.92 4.77 11.61
CA THR A 316 -21.55 5.60 10.59
C THR A 316 -20.58 5.93 9.45
N GLN A 317 -19.37 5.44 9.56
CA GLN A 317 -18.33 5.68 8.55
C GLN A 317 -18.17 7.18 8.26
N ARG A 318 -18.09 7.96 9.33
CA ARG A 318 -17.89 9.39 9.22
C ARG A 318 -16.76 9.81 10.15
N ILE A 319 -16.10 10.91 9.81
CA ILE A 319 -15.02 11.44 10.60
C ILE A 319 -15.60 12.49 11.55
N GLU A 320 -15.43 12.30 12.85
CA GLU A 320 -15.93 13.25 13.82
C GLU A 320 -14.87 14.31 14.11
N VAL A 321 -15.19 15.56 13.76
CA VAL A 321 -14.28 16.68 13.95
C VAL A 321 -14.60 17.45 15.23
N LEU A 322 -13.64 17.51 16.14
CA LEU A 322 -13.83 18.23 17.41
C LEU A 322 -12.94 19.47 17.48
FE FE B . 2.79 0.45 -2.12
N1 HBI C . -1.06 6.62 -5.09
N2 HBI C . -2.40 5.13 -6.16
C2 HBI C . -1.36 5.33 -5.30
N3 HBI C . -0.72 4.26 -4.75
C4 HBI C . 0.33 4.47 -3.87
O4 HBI C . 0.92 3.33 -3.37
C4A HBI C . 0.80 5.89 -3.53
C8A HBI C . -0.03 6.95 -4.24
N8 HBI C . 0.25 8.38 -4.04
C7 HBI C . 1.40 8.80 -3.10
C6 HBI C . 2.26 7.67 -2.38
N5 HBI C . 1.93 6.33 -2.61
C9 HBI C . 3.45 8.12 -1.43
O9 HBI C . 4.13 9.20 -2.05
C10 HBI C . 2.96 8.49 0.08
O10 HBI C . 1.98 9.63 0.11
C11 HBI C . 2.26 7.27 0.80
#